data_3IW0
#
_entry.id   3IW0
#
_cell.length_a   54.500
_cell.length_b   118.900
_cell.length_c   145.900
_cell.angle_alpha   90.00
_cell.angle_beta   90.00
_cell.angle_gamma   90.00
#
_symmetry.space_group_name_H-M   'C 2 2 21'
#
loop_
_entity.id
_entity.type
_entity.pdbx_description
1 polymer 'Cytochrome P450 CYP125'
2 non-polymer 'PROTOPORPHYRIN IX CONTAINING FE'
3 non-polymer 'PHOSPHATE ION'
4 water water
#
_entity_poly.entity_id   1
_entity_poly.type   'polypeptide(L)'
_entity_poly.pdbx_seq_one_letter_code
;MSWNHQSVEIAVRRTTVPSPNLPPGFDFTDPAIYAERLPVAEFAELRSAAPIWWNGQDPGKGGGFHDGGFWAITKLNDVK
EISRHSDVFSSYENGVIPRFKNDIAREDIEVQRFVMLNMDAPHHTRLRKIISRGFTPRAVGRLHDELQERAQKIAAEAAA
AGSGDFVEQVSCELPLQAIAGLLGVPQEDRGKLFHWSNEMTGNEDPEYAHIDPKASSAELIGYAMKMAEEKAKNPADDIV
TQLIQADIDGEKLSDDEFGFFVVMLAVAGNETTRNSITQGMMAFAEHPDQWELYKKVRPETAADEIVRWATPVTAFQRTA
LRDYELSGVQIKKGQRVVMFYRSANFDEEVFQDPFTFNILRNPNPHVGFGGTGAHYCIGANLARMTINLIFNAVADHMPD
LKPISAPERLRSGWLNGIKHWQVDYTGRCPVAH
;
_entity_poly.pdbx_strand_id   A
#
loop_
_chem_comp.id
_chem_comp.type
_chem_comp.name
_chem_comp.formula
HEM non-polymer 'PROTOPORPHYRIN IX CONTAINING FE' 'C34 H32 Fe N4 O4'
PO4 non-polymer 'PHOSPHATE ION' 'O4 P -3'
#
# COMPACT_ATOMS: atom_id res chain seq x y z
N PRO A 20 1.09 -28.82 7.07
CA PRO A 20 1.21 -28.50 5.65
C PRO A 20 2.61 -28.84 5.08
N ASN A 21 2.67 -29.03 3.78
CA ASN A 21 3.91 -29.40 3.09
C ASN A 21 4.75 -28.16 2.80
N LEU A 22 5.53 -27.76 3.80
CA LEU A 22 6.40 -26.61 3.70
C LEU A 22 7.78 -26.97 4.25
N PRO A 23 8.84 -26.33 3.72
CA PRO A 23 10.18 -26.55 4.26
C PRO A 23 10.28 -26.21 5.74
N PRO A 24 11.17 -26.92 6.47
CA PRO A 24 11.55 -26.49 7.81
C PRO A 24 12.13 -25.07 7.82
N GLY A 25 11.73 -24.29 8.80
CA GLY A 25 12.19 -22.90 8.91
C GLY A 25 11.50 -21.90 7.98
N PHE A 26 10.44 -22.35 7.27
CA PHE A 26 9.78 -21.48 6.29
C PHE A 26 9.01 -20.36 7.00
N ASP A 27 9.29 -19.14 6.60
CA ASP A 27 8.63 -17.97 7.21
C ASP A 27 8.03 -17.10 6.09
N PHE A 28 6.71 -16.96 6.13
CA PHE A 28 6.00 -16.21 5.07
C PHE A 28 6.27 -14.71 5.07
N THR A 29 7.03 -14.20 6.06
CA THR A 29 7.45 -12.80 6.08
C THR A 29 8.93 -12.63 5.71
N ASP A 30 9.58 -13.71 5.29
CA ASP A 30 11.01 -13.71 4.97
C ASP A 30 11.29 -12.86 3.72
N PRO A 31 11.99 -11.72 3.86
CA PRO A 31 12.29 -10.89 2.69
C PRO A 31 13.09 -11.60 1.59
N ALA A 32 13.85 -12.63 1.97
CA ALA A 32 14.59 -13.44 1.02
C ALA A 32 13.71 -14.11 -0.04
N ILE A 33 12.49 -14.45 0.34
CA ILE A 33 11.50 -15.01 -0.59
C ILE A 33 11.09 -13.94 -1.60
N TYR A 34 10.62 -12.82 -1.08
CA TYR A 34 10.01 -11.76 -1.89
C TYR A 34 11.00 -11.06 -2.81
N ALA A 35 12.28 -11.07 -2.48
CA ALA A 35 13.31 -10.61 -3.39
C ALA A 35 13.33 -11.38 -4.73
N GLU A 36 12.86 -12.63 -4.69
CA GLU A 36 12.87 -13.53 -5.83
C GLU A 36 11.47 -13.80 -6.40
N ARG A 37 10.49 -13.96 -5.54
CA ARG A 37 9.18 -14.44 -5.97
C ARG A 37 8.08 -14.20 -4.93
N LEU A 38 6.84 -14.37 -5.35
CA LEU A 38 5.70 -14.46 -4.42
C LEU A 38 5.50 -15.95 -4.14
N PRO A 39 5.34 -16.33 -2.87
CA PRO A 39 5.18 -17.75 -2.48
C PRO A 39 3.75 -18.27 -2.68
N VAL A 40 3.33 -18.28 -3.94
CA VAL A 40 1.95 -18.58 -4.30
C VAL A 40 1.58 -20.03 -3.96
N ALA A 41 2.44 -20.97 -4.31
CA ALA A 41 2.19 -22.38 -3.99
C ALA A 41 2.11 -22.64 -2.52
N GLU A 42 2.95 -21.95 -1.75
CA GLU A 42 3.00 -22.13 -0.32
C GLU A 42 1.72 -21.61 0.35
N PHE A 43 1.24 -20.46 -0.08
CA PHE A 43 -0.03 -19.94 0.42
C PHE A 43 -1.17 -20.90 0.08
N ALA A 44 -1.16 -21.41 -1.15
CA ALA A 44 -2.21 -22.32 -1.61
C ALA A 44 -2.20 -23.60 -0.75
N GLU A 45 -1.00 -24.06 -0.39
CA GLU A 45 -0.87 -25.21 0.49
C GLU A 45 -1.51 -24.95 1.84
N LEU A 46 -1.30 -23.76 2.41
CA LEU A 46 -1.92 -23.43 3.69
C LEU A 46 -3.45 -23.35 3.59
N ARG A 47 -3.98 -22.70 2.55
CA ARG A 47 -5.44 -22.59 2.40
C ARG A 47 -6.07 -23.98 2.36
N SER A 48 -5.36 -24.92 1.75
CA SER A 48 -5.82 -26.33 1.64
C SER A 48 -5.70 -27.13 2.95
N ALA A 49 -4.52 -27.07 3.57
CA ALA A 49 -4.10 -28.00 4.63
C ALA A 49 -4.11 -27.44 6.05
N ALA A 50 -3.96 -26.12 6.17
CA ALA A 50 -3.78 -25.48 7.47
C ALA A 50 -4.05 -23.96 7.32
N PRO A 51 -5.32 -23.55 7.07
CA PRO A 51 -5.62 -22.16 6.73
C PRO A 51 -5.24 -21.10 7.76
N ILE A 52 -5.20 -21.49 9.04
CA ILE A 52 -4.62 -20.68 10.10
C ILE A 52 -3.51 -21.56 10.70
N TRP A 53 -2.29 -21.09 10.61
CA TRP A 53 -1.10 -21.90 10.84
C TRP A 53 -0.05 -21.12 11.62
N TRP A 54 0.46 -21.73 12.68
CA TRP A 54 1.55 -21.09 13.45
C TRP A 54 2.86 -21.09 12.66
N ASN A 55 3.32 -19.89 12.33
CA ASN A 55 4.56 -19.62 11.61
C ASN A 55 5.59 -19.32 12.69
N GLY A 56 6.25 -20.36 13.19
CA GLY A 56 7.30 -20.17 14.20
C GLY A 56 8.48 -19.42 13.58
N GLN A 57 9.16 -18.65 14.40
CA GLN A 57 10.35 -17.91 13.97
C GLN A 57 11.51 -18.21 14.92
N ASP A 58 12.68 -18.46 14.33
CA ASP A 58 13.87 -18.78 15.09
C ASP A 58 14.39 -17.60 15.88
N PRO A 59 15.19 -17.90 16.94
CA PRO A 59 15.85 -16.84 17.70
C PRO A 59 16.62 -15.87 16.80
N GLY A 60 16.42 -14.57 17.03
CA GLY A 60 17.06 -13.52 16.26
C GLY A 60 16.44 -13.16 14.93
N LYS A 61 15.48 -13.98 14.48
CA LYS A 61 14.92 -13.87 13.14
C LYS A 61 13.44 -13.51 13.16
N GLY A 62 13.08 -12.57 14.02
CA GLY A 62 11.68 -12.19 14.20
C GLY A 62 11.24 -10.93 13.46
N GLY A 63 12.12 -10.37 12.62
CA GLY A 63 11.85 -9.12 11.94
C GLY A 63 11.50 -7.99 12.90
N GLY A 64 12.11 -8.03 14.09
CA GLY A 64 11.88 -7.01 15.12
C GLY A 64 10.95 -7.41 16.26
N PHE A 65 10.25 -8.54 16.08
CA PHE A 65 9.33 -9.06 17.05
C PHE A 65 9.93 -10.31 17.67
N HIS A 66 10.07 -10.29 19.00
CA HIS A 66 10.83 -11.32 19.71
C HIS A 66 9.93 -12.29 20.43
N ASP A 67 8.77 -12.59 19.82
CA ASP A 67 7.76 -13.40 20.47
C ASP A 67 7.79 -14.87 20.02
N GLY A 68 8.57 -15.18 19.00
CA GLY A 68 8.75 -16.56 18.56
C GLY A 68 7.92 -16.98 17.36
N GLY A 69 7.07 -16.06 16.90
CA GLY A 69 6.29 -16.28 15.68
C GLY A 69 4.93 -15.64 15.71
N PHE A 70 4.08 -16.10 14.79
CA PHE A 70 2.77 -15.47 14.57
C PHE A 70 1.85 -16.47 13.89
N TRP A 71 0.56 -16.17 13.92
CA TRP A 71 -0.42 -16.92 13.14
C TRP A 71 -0.52 -16.36 11.72
N ALA A 72 -0.28 -17.23 10.74
CA ALA A 72 -0.48 -16.92 9.33
C ALA A 72 -1.97 -17.08 9.00
N ILE A 73 -2.58 -16.00 8.52
CA ILE A 73 -3.99 -15.99 8.16
C ILE A 73 -4.10 -15.94 6.63
N THR A 74 -4.71 -16.98 6.03
CA THR A 74 -4.63 -17.18 4.59
C THR A 74 -5.98 -17.13 3.85
N LYS A 75 -7.08 -17.16 4.58
CA LYS A 75 -8.42 -17.16 3.98
C LYS A 75 -9.08 -15.81 4.10
N LEU A 76 -9.78 -15.40 3.04
CA LEU A 76 -10.35 -14.06 2.94
C LEU A 76 -11.36 -13.81 4.07
N ASN A 77 -12.20 -14.81 4.40
CA ASN A 77 -13.19 -14.59 5.46
C ASN A 77 -12.55 -14.38 6.84
N ASP A 78 -11.40 -15.00 7.09
CA ASP A 78 -10.66 -14.81 8.35
C ASP A 78 -10.02 -13.43 8.40
N VAL A 79 -9.48 -12.99 7.27
CA VAL A 79 -8.94 -11.62 7.14
C VAL A 79 -10.05 -10.60 7.43
N LYS A 80 -11.23 -10.82 6.85
CA LYS A 80 -12.37 -9.98 7.13
C LYS A 80 -12.75 -9.99 8.60
N GLU A 81 -12.78 -11.16 9.23
CA GLU A 81 -13.20 -11.23 10.61
C GLU A 81 -12.22 -10.46 11.51
N ILE A 82 -10.93 -10.67 11.30
CA ILE A 82 -9.91 -9.94 12.07
C ILE A 82 -10.04 -8.43 11.90
N SER A 83 -10.23 -8.01 10.66
CA SER A 83 -10.27 -6.61 10.32
C SER A 83 -11.48 -5.91 10.95
N ARG A 84 -12.59 -6.64 10.98
CA ARG A 84 -13.85 -6.16 11.57
C ARG A 84 -13.80 -6.08 13.09
N HIS A 85 -13.15 -7.05 13.72
CA HIS A 85 -13.05 -7.12 15.18
C HIS A 85 -11.80 -6.38 15.67
N SER A 86 -11.77 -5.09 15.39
CA SER A 86 -10.64 -4.25 15.79
C SER A 86 -10.61 -3.96 17.30
N ASP A 87 -11.73 -4.19 17.99
CA ASP A 87 -11.75 -4.18 19.45
C ASP A 87 -10.89 -5.25 20.10
N VAL A 88 -10.72 -6.38 19.41
CA VAL A 88 -9.87 -7.47 19.84
C VAL A 88 -8.49 -7.39 19.18
N PHE A 89 -8.48 -7.12 17.88
CA PHE A 89 -7.27 -7.24 17.08
C PHE A 89 -6.69 -5.86 16.82
N SER A 90 -5.66 -5.53 17.60
CA SER A 90 -5.09 -4.19 17.71
C SER A 90 -4.05 -3.87 16.65
N SER A 91 -4.13 -2.65 16.11
CA SER A 91 -3.07 -2.12 15.26
C SER A 91 -1.99 -1.46 16.10
N TYR A 92 -2.38 -0.85 17.21
CA TYR A 92 -1.45 -0.08 18.03
C TYR A 92 -0.42 -0.92 18.75
N GLU A 93 -0.82 -2.08 19.27
CA GLU A 93 0.01 -2.79 20.23
C GLU A 93 1.40 -3.10 19.68
N ASN A 94 1.46 -3.60 18.46
CA ASN A 94 2.74 -3.90 17.80
C ASN A 94 2.91 -3.24 16.43
N GLY A 95 2.03 -2.29 16.09
CA GLY A 95 2.00 -1.78 14.73
C GLY A 95 1.47 -2.85 13.76
N VAL A 96 1.29 -2.46 12.50
CA VAL A 96 0.75 -3.37 11.49
C VAL A 96 1.79 -3.91 10.50
N ILE A 97 2.98 -3.29 10.44
CA ILE A 97 4.05 -3.86 9.60
C ILE A 97 4.60 -5.12 10.29
N PRO A 98 4.57 -6.28 9.58
CA PRO A 98 4.98 -7.55 10.21
C PRO A 98 6.45 -7.91 10.12
N ARG A 99 7.25 -7.07 9.49
CA ARG A 99 8.65 -7.36 9.29
C ARG A 99 9.48 -6.12 9.11
N PHE A 100 10.48 -5.96 9.97
CA PHE A 100 11.54 -4.98 9.83
C PHE A 100 12.88 -5.73 9.79
N LYS A 101 13.97 -4.99 9.71
CA LYS A 101 15.28 -5.58 9.95
C LYS A 101 15.27 -6.27 11.31
N ASN A 102 15.92 -7.44 11.38
CA ASN A 102 15.85 -8.32 12.55
C ASN A 102 16.27 -7.64 13.86
N ASP A 103 17.18 -6.71 13.73
CA ASP A 103 17.82 -5.95 14.89
C ASP A 103 17.28 -4.50 15.12
N ILE A 104 16.22 -4.09 14.40
CA ILE A 104 15.48 -2.86 14.75
CA ILE A 104 15.52 -2.85 14.75
C ILE A 104 15.21 -2.72 16.27
N ALA A 105 15.41 -1.51 16.79
CA ALA A 105 15.10 -1.22 18.18
C ALA A 105 13.59 -1.12 18.34
N ARG A 106 13.08 -1.58 19.47
CA ARG A 106 11.65 -1.55 19.75
C ARG A 106 11.09 -0.12 19.59
N GLU A 107 11.87 0.89 20.00
CA GLU A 107 11.47 2.31 19.86
C GLU A 107 11.08 2.65 18.43
N ASP A 108 11.81 2.13 17.44
CA ASP A 108 11.54 2.43 16.03
C ASP A 108 10.27 1.71 15.53
N ILE A 109 9.88 0.62 16.17
CA ILE A 109 8.57 0.02 15.88
C ILE A 109 7.46 0.91 16.49
N GLU A 110 7.66 1.33 17.74
CA GLU A 110 6.63 2.09 18.47
C GLU A 110 6.40 3.50 17.91
N VAL A 111 7.39 4.08 17.25
CA VAL A 111 7.23 5.42 16.68
CA VAL A 111 7.23 5.41 16.65
C VAL A 111 6.16 5.43 15.57
N GLN A 112 5.89 4.26 14.98
CA GLN A 112 4.85 4.14 14.00
C GLN A 112 3.48 4.49 14.53
N ARG A 113 3.33 4.41 15.87
CA ARG A 113 2.05 4.74 16.52
C ARG A 113 1.63 6.21 16.35
N PHE A 114 2.57 7.06 15.92
CA PHE A 114 2.23 8.46 15.63
C PHE A 114 1.35 8.66 14.40
N VAL A 115 1.23 7.64 13.55
CA VAL A 115 0.33 7.73 12.38
C VAL A 115 -0.92 6.88 12.57
N MET A 116 -2.00 7.33 11.92
CA MET A 116 -3.36 6.81 12.14
C MET A 116 -3.48 5.30 11.87
N LEU A 117 -2.68 4.83 10.92
CA LEU A 117 -2.66 3.42 10.57
C LEU A 117 -2.38 2.52 11.78
N ASN A 118 -1.56 3.00 12.73
CA ASN A 118 -1.12 2.23 13.88
C ASN A 118 -1.73 2.70 15.20
N MET A 119 -2.93 3.28 15.11
CA MET A 119 -3.74 3.69 16.25
C MET A 119 -5.00 2.85 16.39
N ASP A 120 -5.47 2.73 17.64
CA ASP A 120 -6.75 2.05 17.91
C ASP A 120 -7.76 3.11 18.33
N ALA A 121 -9.03 2.72 18.31
CA ALA A 121 -10.07 3.55 18.89
C ALA A 121 -9.78 3.72 20.38
N PRO A 122 -10.16 4.87 20.95
CA PRO A 122 -10.87 6.02 20.36
C PRO A 122 -10.01 7.03 19.59
N HIS A 123 -8.68 6.97 19.75
CA HIS A 123 -7.80 7.94 19.08
C HIS A 123 -7.95 7.83 17.55
N HIS A 124 -7.90 6.60 17.06
CA HIS A 124 -8.08 6.39 15.62
C HIS A 124 -9.38 7.00 15.11
N THR A 125 -10.43 6.81 15.88
CA THR A 125 -11.80 7.20 15.48
C THR A 125 -11.86 8.72 15.23
N ARG A 126 -11.28 9.51 16.14
CA ARG A 126 -11.22 10.97 16.01
C ARG A 126 -10.46 11.40 14.77
N LEU A 127 -9.26 10.87 14.60
CA LEU A 127 -8.41 11.23 13.48
C LEU A 127 -9.03 10.83 12.15
N ARG A 128 -9.58 9.64 12.07
CA ARG A 128 -10.17 9.19 10.81
C ARG A 128 -11.37 10.07 10.40
N LYS A 129 -12.14 10.51 11.36
CA LYS A 129 -13.25 11.41 11.07
C LYS A 129 -12.76 12.76 10.50
N ILE A 130 -11.71 13.32 11.10
CA ILE A 130 -11.10 14.53 10.57
C ILE A 130 -10.50 14.31 9.19
N ILE A 131 -9.71 13.27 9.04
CA ILE A 131 -8.97 13.04 7.79
C ILE A 131 -9.91 12.73 6.60
N SER A 132 -11.07 12.16 6.89
N SER A 132 -11.07 12.17 6.90
CA SER A 132 -12.08 11.89 5.86
CA SER A 132 -12.08 11.88 5.87
C SER A 132 -12.46 13.14 5.06
C SER A 132 -12.47 13.13 5.06
N ARG A 133 -12.28 14.31 5.66
CA ARG A 133 -12.47 15.61 4.93
C ARG A 133 -11.71 15.66 3.62
N GLY A 134 -10.55 15.02 3.58
CA GLY A 134 -9.67 15.02 2.42
C GLY A 134 -10.00 13.98 1.37
N PHE A 135 -10.92 13.08 1.69
CA PHE A 135 -11.17 11.89 0.86
C PHE A 135 -12.64 11.72 0.52
N THR A 136 -13.38 12.82 0.63
CA THR A 136 -14.75 12.84 0.17
C THR A 136 -14.75 12.59 -1.33
N PRO A 137 -15.86 12.02 -1.85
CA PRO A 137 -16.02 11.91 -3.30
C PRO A 137 -15.78 13.24 -4.01
N ARG A 138 -16.24 14.34 -3.45
CA ARG A 138 -16.03 15.63 -4.07
C ARG A 138 -14.54 16.02 -4.12
N ALA A 139 -13.84 15.88 -2.99
CA ALA A 139 -12.42 16.23 -2.90
C ALA A 139 -11.56 15.42 -3.87
N VAL A 140 -11.78 14.12 -3.93
CA VAL A 140 -11.03 13.26 -4.83
C VAL A 140 -11.41 13.55 -6.28
N GLY A 141 -12.70 13.75 -6.53
CA GLY A 141 -13.17 14.08 -7.87
C GLY A 141 -12.54 15.34 -8.45
N ARG A 142 -12.25 16.31 -7.60
CA ARG A 142 -11.61 17.54 -8.04
C ARG A 142 -10.22 17.31 -8.62
N LEU A 143 -9.59 16.19 -8.26
CA LEU A 143 -8.29 15.85 -8.80
C LEU A 143 -8.32 15.16 -10.17
N HIS A 144 -9.50 14.75 -10.61
CA HIS A 144 -9.58 13.95 -11.86
C HIS A 144 -8.86 14.60 -13.04
N ASP A 145 -9.16 15.87 -13.29
CA ASP A 145 -8.77 16.51 -14.54
C ASP A 145 -7.25 16.73 -14.57
N GLU A 146 -6.67 17.18 -13.45
CA GLU A 146 -5.22 17.37 -13.42
C GLU A 146 -4.47 16.05 -13.51
N LEU A 147 -4.99 15.00 -12.87
CA LEU A 147 -4.35 13.69 -12.94
C LEU A 147 -4.45 13.06 -14.34
N GLN A 148 -5.55 13.31 -15.03
CA GLN A 148 -5.70 12.90 -16.43
C GLN A 148 -4.64 13.55 -17.35
N GLU A 149 -4.53 14.87 -17.23
CA GLU A 149 -3.56 15.65 -18.00
C GLU A 149 -2.15 15.14 -17.69
N ARG A 150 -1.85 14.98 -16.41
CA ARG A 150 -0.53 14.46 -16.02
C ARG A 150 -0.28 13.06 -16.57
N ALA A 151 -1.28 12.18 -16.49
CA ALA A 151 -1.12 10.79 -16.93
C ALA A 151 -0.77 10.72 -18.42
N GLN A 152 -1.43 11.55 -19.19
CA GLN A 152 -1.22 11.62 -20.64
C GLN A 152 0.20 12.10 -20.99
N LYS A 153 0.66 13.12 -20.29
CA LYS A 153 2.02 13.63 -20.42
C LYS A 153 3.07 12.59 -20.05
N ILE A 154 2.88 11.95 -18.89
CA ILE A 154 3.77 10.88 -18.47
C ILE A 154 3.88 9.82 -19.56
N ALA A 155 2.73 9.36 -20.05
CA ALA A 155 2.70 8.32 -21.09
C ALA A 155 3.36 8.82 -22.40
N ALA A 156 3.07 10.06 -22.83
CA ALA A 156 3.68 10.62 -24.06
C ALA A 156 5.22 10.73 -23.93
N GLU A 157 5.69 11.13 -22.74
CA GLU A 157 7.13 11.29 -22.50
C GLU A 157 7.85 9.96 -22.53
N ALA A 158 7.23 8.94 -21.95
CA ALA A 158 7.77 7.59 -21.95
C ALA A 158 7.82 7.06 -23.38
N ALA A 159 6.73 7.20 -24.11
CA ALA A 159 6.68 6.74 -25.51
C ALA A 159 7.82 7.39 -26.33
N ALA A 160 8.02 8.69 -26.13
CA ALA A 160 9.08 9.45 -26.82
C ALA A 160 10.49 8.96 -26.47
N ALA A 161 10.65 8.38 -25.29
CA ALA A 161 11.93 7.81 -24.85
C ALA A 161 12.24 6.50 -25.57
N GLY A 162 11.20 5.86 -26.11
CA GLY A 162 11.33 4.61 -26.87
C GLY A 162 11.39 3.35 -26.03
N SER A 163 12.25 3.36 -25.02
CA SER A 163 12.39 2.27 -24.06
C SER A 163 12.89 2.84 -22.74
N GLY A 164 12.95 1.98 -21.73
CA GLY A 164 13.48 2.37 -20.42
C GLY A 164 12.82 1.62 -19.28
N ASP A 165 13.03 2.14 -18.08
CA ASP A 165 12.48 1.55 -16.85
C ASP A 165 11.04 1.99 -16.65
N PHE A 166 10.13 1.03 -16.86
CA PHE A 166 8.70 1.28 -16.74
C PHE A 166 8.34 1.84 -15.35
N VAL A 167 9.04 1.35 -14.32
CA VAL A 167 8.71 1.76 -12.94
C VAL A 167 8.95 3.28 -12.81
N GLU A 168 10.13 3.71 -13.24
CA GLU A 168 10.53 5.12 -13.16
C GLU A 168 9.74 6.01 -14.12
N GLN A 169 9.58 5.55 -15.36
CA GLN A 169 9.00 6.35 -16.45
C GLN A 169 7.47 6.38 -16.49
N VAL A 170 6.83 5.31 -15.99
CA VAL A 170 5.39 5.24 -16.06
C VAL A 170 4.70 5.06 -14.70
N SER A 171 5.26 4.26 -13.78
CA SER A 171 4.54 3.94 -12.55
C SER A 171 4.71 4.94 -11.43
N CYS A 172 5.89 5.57 -11.38
CA CYS A 172 6.31 6.30 -10.18
CA CYS A 172 6.31 6.29 -10.17
C CYS A 172 5.60 7.62 -9.95
N GLU A 173 5.43 8.41 -11.00
CA GLU A 173 5.05 9.83 -10.82
C GLU A 173 3.58 10.09 -10.46
N LEU A 174 2.65 9.38 -11.08
CA LEU A 174 1.25 9.75 -10.88
C LEU A 174 0.75 9.59 -9.42
N PRO A 175 1.11 8.49 -8.73
CA PRO A 175 0.72 8.42 -7.31
C PRO A 175 1.24 9.61 -6.50
N LEU A 176 2.48 10.00 -6.74
CA LEU A 176 3.04 11.15 -6.04
C LEU A 176 2.32 12.44 -6.41
N GLN A 177 1.96 12.60 -7.67
CA GLN A 177 1.22 13.78 -8.09
C GLN A 177 -0.20 13.80 -7.50
N ALA A 178 -0.77 12.61 -7.27
CA ALA A 178 -2.07 12.52 -6.63
C ALA A 178 -1.99 13.05 -5.18
N ILE A 179 -0.95 12.64 -4.45
CA ILE A 179 -0.72 13.09 -3.06
C ILE A 179 -0.52 14.62 -3.05
N ALA A 180 0.35 15.10 -3.92
CA ALA A 180 0.68 16.52 -4.01
C ALA A 180 -0.56 17.34 -4.36
N GLY A 181 -1.39 16.83 -5.28
CA GLY A 181 -2.60 17.55 -5.68
C GLY A 181 -3.59 17.62 -4.54
N LEU A 182 -3.76 16.51 -3.85
CA LEU A 182 -4.66 16.43 -2.71
C LEU A 182 -4.30 17.48 -1.65
N LEU A 183 -3.00 17.60 -1.37
CA LEU A 183 -2.47 18.51 -0.34
C LEU A 183 -2.23 19.94 -0.83
N GLY A 184 -2.42 20.18 -2.13
CA GLY A 184 -2.12 21.48 -2.74
C GLY A 184 -0.67 21.90 -2.61
N VAL A 185 0.25 20.95 -2.75
CA VAL A 185 1.67 21.26 -2.69
C VAL A 185 2.11 22.12 -3.89
N PRO A 186 2.73 23.29 -3.62
CA PRO A 186 3.27 24.07 -4.75
C PRO A 186 4.19 23.28 -5.67
N GLN A 187 4.05 23.52 -6.97
CA GLN A 187 4.85 22.85 -7.99
C GLN A 187 6.33 22.87 -7.66
N GLU A 188 6.83 24.03 -7.22
CA GLU A 188 8.25 24.22 -6.91
C GLU A 188 8.73 23.40 -5.71
N ASP A 189 7.79 22.85 -4.94
CA ASP A 189 8.11 22.03 -3.77
C ASP A 189 7.98 20.53 -4.04
N ARG A 190 7.44 20.16 -5.21
CA ARG A 190 7.11 18.73 -5.44
C ARG A 190 8.32 17.84 -5.56
N GLY A 191 9.41 18.35 -6.16
CA GLY A 191 10.63 17.58 -6.29
C GLY A 191 11.18 17.13 -4.96
N LYS A 192 11.28 18.05 -4.01
CA LYS A 192 11.80 17.68 -2.69
C LYS A 192 10.82 16.76 -1.94
N LEU A 193 9.52 17.04 -2.05
CA LEU A 193 8.46 16.22 -1.41
C LEU A 193 8.55 14.79 -1.94
N PHE A 194 8.72 14.63 -3.25
CA PHE A 194 8.82 13.29 -3.86
C PHE A 194 10.11 12.56 -3.46
N HIS A 195 11.23 13.28 -3.46
CA HIS A 195 12.48 12.76 -2.96
C HIS A 195 12.34 12.22 -1.52
N TRP A 196 11.80 13.00 -0.59
CA TRP A 196 11.57 12.50 0.77
C TRP A 196 10.63 11.29 0.79
N SER A 197 9.50 11.41 0.12
CA SER A 197 8.50 10.34 0.10
C SER A 197 9.07 9.01 -0.42
N ASN A 198 9.95 9.07 -1.41
CA ASN A 198 10.54 7.85 -2.01
C ASN A 198 11.63 7.21 -1.19
N GLU A 199 12.01 7.87 -0.10
CA GLU A 199 12.95 7.30 0.84
C GLU A 199 12.33 6.85 2.15
N MET A 200 11.00 6.89 2.29
CA MET A 200 10.39 6.76 3.62
C MET A 200 9.83 5.38 3.98
N THR A 201 9.70 4.49 3.01
CA THR A 201 9.23 3.13 3.27
CA THR A 201 9.23 3.14 3.31
C THR A 201 10.44 2.23 3.47
N GLY A 202 10.61 1.70 4.68
CA GLY A 202 11.73 0.84 5.00
C GLY A 202 11.70 -0.47 4.22
N ASN A 203 12.89 -0.90 3.80
CA ASN A 203 13.08 -2.21 3.20
C ASN A 203 14.50 -2.67 3.47
N GLU A 204 14.79 -3.91 3.15
CA GLU A 204 16.16 -4.38 3.35
CA GLU A 204 16.09 -4.49 3.37
C GLU A 204 16.82 -4.73 2.05
N ASP A 205 16.45 -3.99 1.02
CA ASP A 205 17.02 -4.19 -0.31
C ASP A 205 18.42 -3.54 -0.41
N PRO A 206 19.41 -4.32 -0.89
CA PRO A 206 20.76 -3.73 -0.99
C PRO A 206 20.83 -2.46 -1.83
N GLU A 207 19.93 -2.31 -2.80
CA GLU A 207 19.92 -1.13 -3.64
C GLU A 207 19.65 0.16 -2.85
N TYR A 208 18.99 0.03 -1.69
CA TYR A 208 18.58 1.20 -0.91
C TYR A 208 19.13 1.20 0.50
N ALA A 209 20.18 0.42 0.72
CA ALA A 209 20.77 0.25 2.05
C ALA A 209 21.31 1.53 2.66
N HIS A 210 21.63 2.48 1.79
CA HIS A 210 22.21 3.76 2.19
C HIS A 210 21.17 4.81 2.55
N ILE A 211 19.89 4.51 2.32
CA ILE A 211 18.83 5.49 2.56
C ILE A 211 18.45 5.53 4.04
N ASP A 212 18.08 6.71 4.54
CA ASP A 212 17.71 6.91 5.94
C ASP A 212 16.27 7.41 6.04
N PRO A 213 15.31 6.48 6.23
CA PRO A 213 13.92 6.91 6.33
C PRO A 213 13.66 7.93 7.44
N LYS A 214 14.36 7.82 8.56
CA LYS A 214 14.15 8.73 9.69
C LYS A 214 14.41 10.18 9.32
N ALA A 215 15.48 10.43 8.56
CA ALA A 215 15.85 11.78 8.17
C ALA A 215 14.81 12.37 7.20
N SER A 216 14.41 11.56 6.22
CA SER A 216 13.42 11.99 5.22
C SER A 216 12.07 12.32 5.90
N SER A 217 11.70 11.48 6.85
CA SER A 217 10.46 11.67 7.58
C SER A 217 10.48 12.94 8.45
N ALA A 218 11.60 13.19 9.12
CA ALA A 218 11.71 14.41 9.92
C ALA A 218 11.66 15.66 9.01
N GLU A 219 12.26 15.59 7.83
CA GLU A 219 12.18 16.69 6.89
C GLU A 219 10.76 16.93 6.36
N LEU A 220 10.06 15.86 6.00
CA LEU A 220 8.68 16.01 5.53
C LEU A 220 7.75 16.52 6.63
N ILE A 221 7.91 16.06 7.86
CA ILE A 221 7.03 16.53 8.93
CA ILE A 221 7.06 16.52 8.97
C ILE A 221 7.26 18.03 9.18
N GLY A 222 8.51 18.47 9.08
CA GLY A 222 8.83 19.92 9.23
C GLY A 222 8.14 20.75 8.17
N TYR A 223 8.23 20.28 6.92
CA TYR A 223 7.62 20.94 5.78
C TYR A 223 6.11 21.00 5.97
N ALA A 224 5.50 19.88 6.32
CA ALA A 224 4.06 19.82 6.50
C ALA A 224 3.54 20.71 7.63
N MET A 225 4.25 20.71 8.76
CA MET A 225 3.84 21.53 9.90
C MET A 225 3.93 23.02 9.56
N LYS A 226 4.95 23.41 8.81
CA LYS A 226 5.06 24.81 8.32
C LYS A 226 3.90 25.14 7.39
N MET A 227 3.55 24.20 6.52
CA MET A 227 2.37 24.35 5.69
C MET A 227 1.10 24.59 6.52
N ALA A 228 0.91 23.83 7.59
CA ALA A 228 -0.28 23.99 8.44
C ALA A 228 -0.29 25.37 9.10
N GLU A 229 0.86 25.81 9.59
CA GLU A 229 0.89 27.10 10.28
C GLU A 229 0.61 28.25 9.32
N GLU A 230 1.10 28.13 8.09
CA GLU A 230 0.82 29.12 7.03
C GLU A 230 -0.64 29.12 6.62
N LYS A 231 -1.19 27.92 6.43
CA LYS A 231 -2.60 27.80 6.06
C LYS A 231 -3.52 28.36 7.14
N ALA A 232 -3.13 28.26 8.41
CA ALA A 232 -3.90 28.85 9.50
C ALA A 232 -3.97 30.37 9.31
N LYS A 233 -2.83 30.99 9.05
CA LYS A 233 -2.74 32.44 8.86
C LYS A 233 -3.45 32.86 7.58
N ASN A 234 -3.37 32.03 6.55
CA ASN A 234 -3.93 32.35 5.23
C ASN A 234 -4.93 31.30 4.75
N PRO A 235 -6.07 31.17 5.45
CA PRO A 235 -7.06 30.17 5.05
C PRO A 235 -7.53 30.36 3.62
N ALA A 236 -7.65 29.25 2.88
CA ALA A 236 -8.16 29.26 1.51
C ALA A 236 -9.20 28.15 1.38
N ASP A 237 -9.83 28.07 0.23
CA ASP A 237 -10.75 26.97 -0.03
C ASP A 237 -9.94 25.81 -0.58
N ASP A 238 -9.42 24.99 0.34
CA ASP A 238 -8.71 23.78 -0.04
C ASP A 238 -8.77 22.72 1.07
N ILE A 239 -8.24 21.53 0.79
CA ILE A 239 -8.31 20.41 1.74
C ILE A 239 -7.50 20.67 3.01
N VAL A 240 -6.31 21.24 2.86
CA VAL A 240 -5.46 21.49 4.02
C VAL A 240 -6.17 22.43 5.01
N THR A 241 -6.76 23.50 4.50
CA THR A 241 -7.53 24.42 5.33
C THR A 241 -8.69 23.69 6.06
N GLN A 242 -9.38 22.81 5.36
CA GLN A 242 -10.47 22.07 5.98
C GLN A 242 -9.96 21.19 7.12
N LEU A 243 -8.77 20.60 6.96
CA LEU A 243 -8.21 19.70 7.97
C LEU A 243 -7.78 20.44 9.24
N ILE A 244 -7.27 21.66 9.09
CA ILE A 244 -6.72 22.39 10.24
C ILE A 244 -7.69 23.42 10.83
N GLN A 245 -8.88 23.55 10.24
CA GLN A 245 -9.91 24.42 10.82
C GLN A 245 -10.94 23.58 11.58
N ALA A 246 -11.33 24.05 12.77
CA ALA A 246 -12.31 23.35 13.59
C ALA A 246 -13.62 23.13 12.84
N ASP A 247 -14.17 21.93 12.96
CA ASP A 247 -15.53 21.62 12.52
C ASP A 247 -16.50 22.09 13.59
N ILE A 248 -17.78 21.76 13.44
CA ILE A 248 -18.79 22.07 14.47
C ILE A 248 -18.41 21.68 15.89
N ASP A 249 -17.75 20.51 16.03
CA ASP A 249 -17.32 19.98 17.32
C ASP A 249 -15.96 20.51 17.77
N GLY A 250 -15.41 21.42 16.98
CA GLY A 250 -14.14 22.01 17.30
C GLY A 250 -13.01 21.10 16.88
N GLU A 251 -13.34 20.03 16.13
CA GLU A 251 -12.30 19.03 15.80
C GLU A 251 -11.49 19.47 14.61
N LYS A 252 -10.18 19.27 14.70
CA LYS A 252 -9.24 19.70 13.65
C LYS A 252 -7.91 19.04 13.94
N LEU A 253 -7.08 18.93 12.91
CA LEU A 253 -5.69 18.46 13.13
C LEU A 253 -4.88 19.61 13.70
N SER A 254 -4.21 19.33 14.80
CA SER A 254 -3.12 20.18 15.27
C SER A 254 -1.97 20.10 14.26
N ASP A 255 -0.97 20.97 14.39
CA ASP A 255 0.05 21.04 13.34
C ASP A 255 0.81 19.72 13.24
N ASP A 256 1.23 19.20 14.39
CA ASP A 256 1.97 17.93 14.39
C ASP A 256 1.12 16.80 13.79
N GLU A 257 -0.19 16.81 14.09
CA GLU A 257 -1.12 15.79 13.52
C GLU A 257 -1.21 15.90 12.02
N PHE A 258 -1.23 17.13 11.52
CA PHE A 258 -1.14 17.35 10.07
C PHE A 258 0.16 16.81 9.50
N GLY A 259 1.29 17.11 10.16
CA GLY A 259 2.57 16.52 9.82
C GLY A 259 2.52 14.99 9.73
N PHE A 260 1.97 14.33 10.76
CA PHE A 260 1.89 12.86 10.76
C PHE A 260 0.91 12.31 9.70
N PHE A 261 -0.11 13.09 9.35
CA PHE A 261 -1.00 12.76 8.23
C PHE A 261 -0.24 12.74 6.91
N VAL A 262 0.58 13.77 6.66
CA VAL A 262 1.36 13.85 5.41
C VAL A 262 2.40 12.74 5.33
N VAL A 263 3.09 12.50 6.45
CA VAL A 263 4.04 11.39 6.54
C VAL A 263 3.35 10.07 6.21
N MET A 264 2.14 9.90 6.72
CA MET A 264 1.40 8.67 6.46
CA MET A 264 1.33 8.68 6.47
C MET A 264 1.09 8.49 4.97
N LEU A 265 0.64 9.57 4.33
CA LEU A 265 0.30 9.53 2.90
C LEU A 265 1.52 9.21 2.05
N ALA A 266 2.70 9.66 2.48
N ALA A 266 2.67 9.74 2.46
CA ALA A 266 3.93 9.58 1.67
CA ALA A 266 3.92 9.53 1.77
C ALA A 266 4.45 8.17 1.36
C ALA A 266 4.26 8.06 1.70
N VAL A 267 4.06 7.17 2.16
N VAL A 267 3.81 7.29 2.72
CA VAL A 267 4.34 5.76 1.86
CA VAL A 267 4.02 5.84 2.83
C VAL A 267 3.04 5.06 1.51
C VAL A 267 2.79 4.93 2.55
N ALA A 268 1.99 5.36 2.30
N ALA A 268 1.56 5.45 2.65
CA ALA A 268 0.70 4.67 2.17
CA ALA A 268 0.36 4.69 2.28
C ALA A 268 0.12 4.75 0.76
C ALA A 268 -0.01 4.78 0.80
N GLY A 269 0.24 5.93 0.16
CA GLY A 269 -0.30 6.20 -1.20
C GLY A 269 0.71 6.24 -2.32
N ASN A 270 1.95 5.81 -2.03
CA ASN A 270 3.05 5.98 -2.96
C ASN A 270 3.43 4.65 -3.61
N GLU A 271 4.21 3.83 -2.90
CA GLU A 271 4.69 2.55 -3.47
C GLU A 271 3.54 1.57 -3.71
N THR A 272 2.45 1.75 -2.98
CA THR A 272 1.30 0.87 -3.14
C THR A 272 0.71 1.04 -4.54
N THR A 273 0.27 2.25 -4.88
CA THR A 273 -0.27 2.49 -6.23
C THR A 273 0.80 2.25 -7.32
N ARG A 274 2.03 2.68 -7.07
CA ARG A 274 3.12 2.47 -8.04
C ARG A 274 3.19 0.98 -8.42
N ASN A 275 3.19 0.13 -7.40
CA ASN A 275 3.34 -1.32 -7.61
C ASN A 275 2.13 -1.95 -8.26
N SER A 276 0.95 -1.40 -7.99
CA SER A 276 -0.26 -1.83 -8.72
CA SER A 276 -0.26 -1.81 -8.71
C SER A 276 -0.13 -1.55 -10.23
N ILE A 277 0.41 -0.39 -10.57
CA ILE A 277 0.58 0.00 -11.98
C ILE A 277 1.61 -0.94 -12.65
N THR A 278 2.77 -1.15 -12.02
CA THR A 278 3.80 -2.01 -12.62
C THR A 278 3.27 -3.43 -12.78
N GLN A 279 2.65 -3.96 -11.73
CA GLN A 279 2.19 -5.34 -11.77
C GLN A 279 0.94 -5.51 -12.63
N GLY A 280 0.14 -4.46 -12.76
CA GLY A 280 -0.98 -4.46 -13.69
C GLY A 280 -0.46 -4.60 -15.10
N MET A 281 0.59 -3.83 -15.43
CA MET A 281 1.16 -3.93 -16.78
C MET A 281 1.85 -5.28 -17.00
N MET A 282 2.48 -5.84 -15.96
CA MET A 282 3.05 -7.20 -16.04
C MET A 282 1.98 -8.24 -16.36
N ALA A 283 0.83 -8.11 -15.69
CA ALA A 283 -0.31 -9.00 -15.92
C ALA A 283 -0.84 -8.87 -17.35
N PHE A 284 -0.92 -7.64 -17.85
CA PHE A 284 -1.34 -7.41 -19.24
C PHE A 284 -0.36 -8.06 -20.22
N ALA A 285 0.94 -7.93 -19.94
CA ALA A 285 1.99 -8.53 -20.81
C ALA A 285 1.83 -10.05 -20.85
N GLU A 286 1.40 -10.62 -19.74
CA GLU A 286 1.27 -12.05 -19.62
C GLU A 286 -0.08 -12.53 -20.17
N HIS A 287 -1.04 -11.61 -20.28
CA HIS A 287 -2.43 -11.93 -20.68
C HIS A 287 -2.84 -11.01 -21.83
N PRO A 288 -2.26 -11.26 -23.02
CA PRO A 288 -2.50 -10.42 -24.19
C PRO A 288 -3.96 -10.22 -24.54
N ASP A 289 -4.79 -11.24 -24.37
CA ASP A 289 -6.22 -11.10 -24.69
C ASP A 289 -6.87 -10.07 -23.78
N GLN A 290 -6.45 -10.04 -22.51
CA GLN A 290 -6.96 -9.02 -21.59
C GLN A 290 -6.50 -7.62 -21.96
N TRP A 291 -5.25 -7.50 -22.42
CA TRP A 291 -4.72 -6.20 -22.86
C TRP A 291 -5.48 -5.72 -24.10
N GLU A 292 -5.80 -6.63 -25.02
CA GLU A 292 -6.56 -6.22 -26.19
C GLU A 292 -7.96 -5.75 -25.80
N LEU A 293 -8.60 -6.49 -24.90
CA LEU A 293 -9.91 -6.11 -24.40
C LEU A 293 -9.83 -4.75 -23.72
N TYR A 294 -8.81 -4.57 -22.87
CA TYR A 294 -8.63 -3.29 -22.16
C TYR A 294 -8.56 -2.12 -23.14
N LYS A 295 -7.68 -2.22 -24.13
CA LYS A 295 -7.49 -1.12 -25.09
C LYS A 295 -8.78 -0.79 -25.82
N LYS A 296 -9.58 -1.79 -26.11
CA LYS A 296 -10.83 -1.57 -26.84
C LYS A 296 -11.93 -0.91 -26.00
N VAL A 297 -12.17 -1.41 -24.78
CA VAL A 297 -13.31 -0.94 -24.00
C VAL A 297 -12.93 -0.12 -22.75
N ARG A 298 -11.68 -0.17 -22.31
CA ARG A 298 -11.21 0.67 -21.20
C ARG A 298 -12.08 0.49 -19.92
N PRO A 299 -12.33 -0.78 -19.54
CA PRO A 299 -13.24 -1.08 -18.44
C PRO A 299 -12.62 -0.65 -17.10
N GLU A 300 -13.33 0.19 -16.36
CA GLU A 300 -12.83 0.68 -15.06
C GLU A 300 -12.77 -0.42 -14.01
N THR A 301 -13.48 -1.53 -14.26
CA THR A 301 -13.33 -2.71 -13.46
C THR A 301 -11.89 -3.24 -13.46
N ALA A 302 -11.10 -2.86 -14.48
CA ALA A 302 -9.72 -3.27 -14.56
C ALA A 302 -8.94 -2.88 -13.29
N ALA A 303 -9.27 -1.74 -12.69
CA ALA A 303 -8.48 -1.24 -11.53
C ALA A 303 -8.54 -2.21 -10.35
N ASP A 304 -9.74 -2.71 -10.05
CA ASP A 304 -9.88 -3.69 -8.96
C ASP A 304 -9.22 -5.01 -9.28
N GLU A 305 -9.32 -5.49 -10.52
CA GLU A 305 -8.63 -6.74 -10.84
C GLU A 305 -7.09 -6.59 -10.78
N ILE A 306 -6.60 -5.41 -11.19
CA ILE A 306 -5.18 -5.03 -11.10
C ILE A 306 -4.74 -5.01 -9.61
N VAL A 307 -5.54 -4.40 -8.75
CA VAL A 307 -5.24 -4.39 -7.30
C VAL A 307 -5.27 -5.81 -6.70
N ARG A 308 -6.30 -6.60 -7.02
CA ARG A 308 -6.35 -7.98 -6.57
C ARG A 308 -5.11 -8.75 -7.03
N TRP A 309 -4.77 -8.59 -8.31
CA TRP A 309 -3.67 -9.33 -8.90
C TRP A 309 -2.31 -8.87 -8.36
N ALA A 310 -2.18 -7.58 -8.13
CA ALA A 310 -0.93 -6.97 -7.70
C ALA A 310 -0.71 -7.10 -6.19
N THR A 311 -1.79 -7.13 -5.42
CA THR A 311 -1.76 -7.09 -3.95
C THR A 311 -0.49 -6.39 -3.42
N PRO A 312 -0.39 -5.07 -3.64
CA PRO A 312 0.85 -4.32 -3.30
C PRO A 312 1.30 -4.44 -1.83
N VAL A 313 0.34 -4.47 -0.90
CA VAL A 313 0.63 -4.86 0.51
C VAL A 313 0.39 -6.37 0.66
N THR A 314 1.47 -7.14 0.77
CA THR A 314 1.34 -8.60 0.91
C THR A 314 0.63 -9.01 2.22
N ALA A 315 0.95 -8.28 3.30
CA ALA A 315 0.45 -8.63 4.62
C ALA A 315 0.53 -7.43 5.56
N PHE A 316 -0.49 -7.28 6.39
CA PHE A 316 -0.43 -6.45 7.61
C PHE A 316 -0.84 -7.35 8.81
N GLN A 317 -0.32 -7.03 9.98
CA GLN A 317 -0.63 -7.77 11.19
C GLN A 317 -1.55 -7.03 12.16
N ARG A 318 -2.05 -7.79 13.14
CA ARG A 318 -2.70 -7.27 14.31
C ARG A 318 -2.19 -8.06 15.55
N THR A 319 -2.50 -7.56 16.74
CA THR A 319 -2.20 -8.26 17.99
C THR A 319 -3.48 -8.47 18.80
N ALA A 320 -3.71 -9.71 19.23
CA ALA A 320 -4.86 -10.05 20.09
C ALA A 320 -4.76 -9.38 21.46
N LEU A 321 -5.77 -8.57 21.80
CA LEU A 321 -5.83 -7.92 23.13
C LEU A 321 -6.46 -8.84 24.19
N ARG A 322 -7.07 -9.92 23.71
CA ARG A 322 -7.63 -10.97 24.58
C ARG A 322 -7.66 -12.28 23.80
N ASP A 323 -7.90 -13.39 24.51
CA ASP A 323 -8.08 -14.67 23.84
C ASP A 323 -9.26 -14.56 22.91
N TYR A 324 -9.17 -15.21 21.75
CA TYR A 324 -10.22 -15.15 20.73
C TYR A 324 -10.17 -16.41 19.89
N GLU A 325 -11.33 -17.01 19.66
CA GLU A 325 -11.40 -18.21 18.85
C GLU A 325 -11.74 -17.84 17.42
N LEU A 326 -10.78 -18.03 16.51
CA LEU A 326 -10.94 -17.67 15.09
C LEU A 326 -11.02 -18.93 14.24
N SER A 327 -12.18 -19.20 13.65
CA SER A 327 -12.39 -20.39 12.81
C SER A 327 -11.79 -21.65 13.46
N GLY A 328 -12.11 -21.85 14.74
CA GLY A 328 -11.69 -23.04 15.47
C GLY A 328 -10.30 -23.04 16.07
N VAL A 329 -9.53 -21.96 15.87
CA VAL A 329 -8.18 -21.85 16.41
C VAL A 329 -8.18 -20.86 17.55
N GLN A 330 -7.60 -21.28 18.68
CA GLN A 330 -7.55 -20.43 19.86
C GLN A 330 -6.38 -19.45 19.77
N ILE A 331 -6.69 -18.20 19.47
CA ILE A 331 -5.65 -17.17 19.43
C ILE A 331 -5.53 -16.67 20.87
N LYS A 332 -4.31 -16.54 21.38
CA LYS A 332 -4.13 -16.13 22.77
C LYS A 332 -3.74 -14.67 22.87
N LYS A 333 -4.15 -14.04 23.96
CA LYS A 333 -3.77 -12.68 24.28
C LYS A 333 -2.27 -12.46 24.06
N GLY A 334 -1.94 -11.41 23.30
CA GLY A 334 -0.57 -11.02 23.06
C GLY A 334 -0.02 -11.54 21.74
N GLN A 335 -0.66 -12.56 21.19
CA GLN A 335 -0.20 -13.17 19.95
C GLN A 335 -0.52 -12.27 18.75
N ARG A 336 0.40 -12.26 17.79
CA ARG A 336 0.22 -11.65 16.49
C ARG A 336 -0.47 -12.57 15.49
N VAL A 337 -1.38 -11.98 14.71
CA VAL A 337 -1.96 -12.60 13.53
C VAL A 337 -1.53 -11.76 12.32
N VAL A 338 -1.08 -12.44 11.27
CA VAL A 338 -0.63 -11.74 10.05
C VAL A 338 -1.58 -12.11 8.92
N MET A 339 -2.26 -11.09 8.40
CA MET A 339 -3.27 -11.21 7.33
C MET A 339 -2.56 -11.16 6.01
N PHE A 340 -2.47 -12.31 5.36
CA PHE A 340 -1.84 -12.40 4.07
C PHE A 340 -2.86 -12.09 3.00
N TYR A 341 -2.96 -10.80 2.69
CA TYR A 341 -3.86 -10.38 1.63
C TYR A 341 -3.54 -11.10 0.32
N ARG A 342 -2.26 -11.40 0.09
CA ARG A 342 -1.81 -12.12 -1.13
C ARG A 342 -2.47 -13.50 -1.25
N SER A 343 -2.67 -14.16 -0.11
CA SER A 343 -3.38 -15.43 -0.11
C SER A 343 -4.88 -15.25 -0.24
N ALA A 344 -5.42 -14.33 0.55
CA ALA A 344 -6.86 -14.07 0.59
C ALA A 344 -7.41 -13.71 -0.80
N ASN A 345 -6.64 -12.93 -1.57
CA ASN A 345 -7.08 -12.47 -2.88
C ASN A 345 -7.11 -13.56 -3.97
N PHE A 346 -6.64 -14.75 -3.61
CA PHE A 346 -6.70 -15.94 -4.47
C PHE A 346 -7.43 -17.10 -3.79
N ASP A 347 -8.33 -16.75 -2.89
CA ASP A 347 -9.09 -17.70 -2.10
C ASP A 347 -10.17 -18.32 -3.00
N GLU A 348 -10.01 -19.61 -3.27
CA GLU A 348 -10.87 -20.38 -4.17
C GLU A 348 -12.33 -20.43 -3.70
N GLU A 349 -12.56 -20.19 -2.41
CA GLU A 349 -13.93 -20.17 -1.87
C GLU A 349 -14.67 -18.87 -2.10
N VAL A 350 -13.93 -17.81 -2.41
CA VAL A 350 -14.53 -16.51 -2.62
C VAL A 350 -14.57 -16.13 -4.10
N PHE A 351 -13.52 -16.45 -4.84
CA PHE A 351 -13.42 -16.08 -6.24
C PHE A 351 -13.61 -17.28 -7.14
N GLN A 352 -14.30 -17.04 -8.25
CA GLN A 352 -14.36 -18.03 -9.31
C GLN A 352 -13.10 -17.88 -10.15
N ASP A 353 -12.28 -18.93 -10.16
CA ASP A 353 -11.07 -18.98 -10.97
C ASP A 353 -10.13 -17.84 -10.55
N PRO A 354 -9.68 -17.87 -9.29
CA PRO A 354 -8.82 -16.77 -8.79
C PRO A 354 -7.53 -16.57 -9.57
N PHE A 355 -7.02 -17.64 -10.19
CA PHE A 355 -5.80 -17.54 -10.97
C PHE A 355 -6.02 -17.17 -12.44
N THR A 356 -7.25 -16.82 -12.78
CA THR A 356 -7.58 -16.16 -14.03
C THR A 356 -7.57 -14.64 -13.85
N PHE A 357 -6.77 -13.95 -14.66
CA PHE A 357 -6.77 -12.48 -14.67
C PHE A 357 -7.91 -12.00 -15.57
N ASN A 358 -8.94 -11.43 -14.97
CA ASN A 358 -10.18 -11.07 -15.67
C ASN A 358 -10.55 -9.64 -15.35
N ILE A 359 -10.23 -8.71 -16.26
CA ILE A 359 -10.46 -7.30 -15.98
C ILE A 359 -11.93 -6.90 -15.85
N LEU A 360 -12.84 -7.82 -16.20
CA LEU A 360 -14.28 -7.55 -16.09
C LEU A 360 -14.91 -8.16 -14.81
N ARG A 361 -14.08 -8.80 -13.97
CA ARG A 361 -14.56 -9.44 -12.76
C ARG A 361 -15.42 -8.48 -11.96
N ASN A 362 -16.63 -8.92 -11.63
CA ASN A 362 -17.65 -8.05 -11.04
C ASN A 362 -18.80 -8.91 -10.49
N PRO A 363 -19.05 -8.85 -9.18
CA PRO A 363 -18.32 -8.06 -8.16
C PRO A 363 -16.90 -8.61 -7.93
N ASN A 364 -16.05 -7.77 -7.35
CA ASN A 364 -14.66 -8.13 -7.11
C ASN A 364 -14.30 -7.80 -5.65
N PRO A 365 -14.68 -8.69 -4.73
CA PRO A 365 -14.58 -8.41 -3.30
C PRO A 365 -13.20 -8.68 -2.74
N HIS A 366 -12.19 -8.17 -3.43
CA HIS A 366 -10.79 -8.38 -2.99
C HIS A 366 -10.49 -7.57 -1.72
N VAL A 367 -9.43 -8.00 -1.02
CA VAL A 367 -8.95 -7.33 0.19
C VAL A 367 -7.58 -6.65 -0.05
N GLY A 368 -7.27 -6.28 -1.29
CA GLY A 368 -6.12 -5.41 -1.60
C GLY A 368 -6.03 -4.11 -0.80
N PHE A 369 -7.19 -3.54 -0.51
CA PHE A 369 -7.31 -2.32 0.33
C PHE A 369 -7.63 -2.64 1.79
N GLY A 370 -7.44 -3.90 2.18
CA GLY A 370 -7.74 -4.42 3.52
C GLY A 370 -9.10 -5.09 3.60
N GLY A 371 -9.38 -5.72 4.74
CA GLY A 371 -10.74 -6.19 5.00
C GLY A 371 -11.60 -5.00 5.36
N THR A 372 -12.90 -5.04 5.11
CA THR A 372 -13.76 -3.97 5.58
C THR A 372 -13.66 -3.80 7.11
N GLY A 373 -13.68 -2.57 7.56
CA GLY A 373 -13.53 -2.26 8.98
C GLY A 373 -12.94 -0.87 9.16
N ALA A 374 -12.53 -0.61 10.39
CA ALA A 374 -12.17 0.72 10.86
C ALA A 374 -11.02 1.33 10.04
N HIS A 375 -10.04 0.50 9.66
CA HIS A 375 -8.83 0.98 8.98
C HIS A 375 -8.88 0.84 7.46
N TYR A 376 -9.98 0.33 6.91
CA TYR A 376 -10.08 0.18 5.45
C TYR A 376 -9.50 1.35 4.68
N CYS A 377 -8.70 1.07 3.66
CA CYS A 377 -7.94 2.09 2.92
C CYS A 377 -8.78 3.33 2.59
N ILE A 378 -8.43 4.46 3.20
CA ILE A 378 -9.15 5.70 2.94
C ILE A 378 -8.92 6.22 1.51
N GLY A 379 -7.82 5.81 0.87
CA GLY A 379 -7.44 6.23 -0.47
C GLY A 379 -7.89 5.32 -1.60
N ALA A 380 -8.73 4.33 -1.29
CA ALA A 380 -9.08 3.32 -2.29
C ALA A 380 -9.60 3.89 -3.60
N ASN A 381 -10.54 4.83 -3.53
CA ASN A 381 -11.10 5.41 -4.76
C ASN A 381 -10.10 6.33 -5.50
N LEU A 382 -9.27 7.05 -4.74
CA LEU A 382 -8.16 7.80 -5.33
C LEU A 382 -7.20 6.84 -6.06
N ALA A 383 -6.90 5.70 -5.45
CA ALA A 383 -6.01 4.72 -6.06
C ALA A 383 -6.60 4.17 -7.34
N ARG A 384 -7.87 3.76 -7.29
CA ARG A 384 -8.56 3.25 -8.50
C ARG A 384 -8.56 4.30 -9.64
N MET A 385 -8.83 5.56 -9.32
CA MET A 385 -8.87 6.61 -10.34
C MET A 385 -7.50 6.79 -10.93
N THR A 386 -6.47 6.84 -10.08
CA THR A 386 -5.07 6.89 -10.52
C THR A 386 -4.73 5.74 -11.51
N ILE A 387 -5.13 4.52 -11.14
CA ILE A 387 -4.85 3.34 -11.95
C ILE A 387 -5.58 3.47 -13.29
N ASN A 388 -6.86 3.83 -13.26
CA ASN A 388 -7.64 3.94 -14.51
C ASN A 388 -7.07 5.01 -15.45
N LEU A 389 -6.63 6.14 -14.87
CA LEU A 389 -6.08 7.22 -15.68
C LEU A 389 -4.74 6.84 -16.35
N ILE A 390 -3.84 6.22 -15.61
CA ILE A 390 -2.54 5.88 -16.18
C ILE A 390 -2.65 4.77 -17.24
N PHE A 391 -3.53 3.79 -17.02
CA PHE A 391 -3.67 2.74 -18.03
C PHE A 391 -4.38 3.23 -19.28
N ASN A 392 -5.31 4.17 -19.14
CA ASN A 392 -5.86 4.84 -20.35
C ASN A 392 -4.75 5.53 -21.13
N ALA A 393 -3.87 6.22 -20.42
CA ALA A 393 -2.71 6.87 -21.02
C ALA A 393 -1.74 5.90 -21.69
N VAL A 394 -1.40 4.80 -21.02
CA VAL A 394 -0.54 3.75 -21.60
C VAL A 394 -1.19 3.18 -22.88
N ALA A 395 -2.51 2.93 -22.83
CA ALA A 395 -3.28 2.46 -24.00
C ALA A 395 -3.19 3.45 -25.17
N ASP A 396 -3.32 4.73 -24.85
CA ASP A 396 -3.33 5.81 -25.85
C ASP A 396 -1.96 5.99 -26.51
N HIS A 397 -0.89 5.90 -25.73
CA HIS A 397 0.45 6.28 -26.20
C HIS A 397 1.42 5.13 -26.48
N MET A 398 1.21 3.97 -25.88
CA MET A 398 2.10 2.83 -26.12
C MET A 398 1.35 1.51 -26.15
N PRO A 399 0.34 1.40 -27.04
CA PRO A 399 -0.48 0.19 -27.09
C PRO A 399 0.28 -1.12 -27.34
N ASP A 400 1.47 -1.04 -27.96
CA ASP A 400 2.25 -2.24 -28.34
C ASP A 400 3.50 -2.48 -27.49
N LEU A 401 3.53 -1.93 -26.29
CA LEU A 401 4.72 -2.06 -25.47
C LEU A 401 4.97 -3.52 -25.12
N LYS A 402 6.24 -3.86 -25.02
CA LYS A 402 6.69 -5.21 -24.76
C LYS A 402 7.89 -5.18 -23.81
N PRO A 403 7.96 -6.12 -22.85
CA PRO A 403 9.10 -6.14 -21.95
C PRO A 403 10.41 -6.50 -22.64
N ILE A 404 11.50 -5.97 -22.11
CA ILE A 404 12.85 -6.28 -22.60
C ILE A 404 13.51 -7.33 -21.71
N SER A 405 13.35 -7.18 -20.39
CA SER A 405 13.89 -8.13 -19.43
C SER A 405 12.95 -8.28 -18.22
N ALA A 406 13.26 -9.25 -17.37
CA ALA A 406 12.41 -9.61 -16.22
C ALA A 406 12.37 -8.50 -15.16
N PRO A 407 11.22 -8.35 -14.47
CA PRO A 407 11.18 -7.35 -13.39
C PRO A 407 12.18 -7.66 -12.26
N GLU A 408 12.68 -6.62 -11.63
CA GLU A 408 13.51 -6.73 -10.43
C GLU A 408 12.64 -6.50 -9.22
N ARG A 409 12.45 -7.54 -8.40
CA ARG A 409 11.59 -7.44 -7.23
C ARG A 409 12.32 -6.77 -6.06
N LEU A 410 11.52 -6.19 -5.15
CA LEU A 410 12.02 -5.54 -3.95
C LEU A 410 12.18 -6.52 -2.78
N ARG A 411 13.31 -6.42 -2.08
CA ARG A 411 13.52 -7.25 -0.88
C ARG A 411 12.79 -6.65 0.34
N SER A 412 11.60 -7.17 0.59
CA SER A 412 10.74 -6.70 1.67
C SER A 412 9.91 -7.87 2.16
N GLY A 413 9.63 -7.91 3.46
CA GLY A 413 8.84 -8.99 4.04
C GLY A 413 7.35 -8.70 4.05
N TRP A 414 6.94 -7.54 3.53
CA TRP A 414 5.52 -7.16 3.59
C TRP A 414 5.00 -6.36 2.40
N LEU A 415 5.89 -5.64 1.70
CA LEU A 415 5.53 -4.88 0.52
C LEU A 415 5.90 -5.72 -0.71
N ASN A 416 4.97 -5.83 -1.65
CA ASN A 416 5.17 -6.57 -2.88
C ASN A 416 5.58 -5.59 -3.96
N GLY A 417 6.89 -5.37 -4.07
CA GLY A 417 7.42 -4.28 -4.88
C GLY A 417 8.23 -4.71 -6.10
N ILE A 418 8.14 -3.88 -7.14
CA ILE A 418 9.00 -3.97 -8.32
C ILE A 418 9.87 -2.73 -8.39
N LYS A 419 11.18 -2.93 -8.27
CA LYS A 419 12.14 -1.83 -8.30
C LYS A 419 12.30 -1.28 -9.71
N HIS A 420 12.45 -2.18 -10.68
CA HIS A 420 12.75 -1.83 -12.06
C HIS A 420 12.15 -2.87 -13.01
N TRP A 421 11.85 -2.43 -14.22
CA TRP A 421 11.35 -3.31 -15.28
C TRP A 421 11.60 -2.65 -16.63
N GLN A 422 12.53 -3.21 -17.41
CA GLN A 422 12.90 -2.64 -18.71
C GLN A 422 11.88 -3.02 -19.77
N VAL A 423 11.32 -2.02 -20.44
CA VAL A 423 10.31 -2.24 -21.47
CA VAL A 423 10.25 -2.17 -21.43
C VAL A 423 10.55 -1.39 -22.71
N ASP A 424 10.10 -1.93 -23.84
CA ASP A 424 10.16 -1.24 -25.12
C ASP A 424 8.78 -0.76 -25.45
N TYR A 425 8.60 0.56 -25.50
CA TYR A 425 7.28 1.16 -25.68
C TYR A 425 6.78 1.07 -27.12
N THR A 426 7.73 0.97 -28.05
CA THR A 426 7.45 0.78 -29.47
C THR A 426 7.08 -0.69 -29.69
CHA HEM B . -4.75 1.95 4.62
CHB HEM B . -3.72 -0.64 0.68
CHC HEM B . -3.53 3.47 -1.90
CHD HEM B . -4.05 6.10 2.10
C1A HEM B . -4.52 0.88 3.78
C2A HEM B . -4.53 -0.51 4.18
C3A HEM B . -4.25 -1.23 3.08
C4A HEM B . -4.03 -0.30 1.97
CMA HEM B . -4.13 -2.77 2.99
CAA HEM B . -4.82 -1.04 5.61
CBA HEM B . -6.27 -1.48 5.66
CGA HEM B . -6.71 -2.20 6.91
O1A HEM B . -5.87 -2.40 7.83
O2A HEM B . -7.92 -2.59 6.94
C1B HEM B . -3.56 0.24 -0.36
C2B HEM B . -3.27 -0.12 -1.73
C3B HEM B . -3.23 1.01 -2.46
C4B HEM B . -3.48 2.13 -1.55
CMB HEM B . -3.07 -1.58 -2.21
CAB HEM B . -2.94 1.20 -3.97
CBB HEM B . -3.34 0.34 -4.91
C1C HEM B . -3.68 4.55 -1.06
C2C HEM B . -3.68 5.93 -1.45
C3C HEM B . -3.80 6.69 -0.34
C4C HEM B . -3.91 5.75 0.78
CMC HEM B . -3.56 6.37 -2.91
CAC HEM B . -3.87 8.22 -0.22
CBC HEM B . -3.21 9.07 -1.01
C1D HEM B . -4.26 5.21 3.13
C2D HEM B . -4.39 5.62 4.50
C3D HEM B . -4.63 4.35 5.28
C4D HEM B . -4.58 3.28 4.30
CMD HEM B . -4.33 7.06 5.04
CAD HEM B . -4.82 4.16 6.79
CBD HEM B . -6.31 4.20 7.13
CGD HEM B . -6.60 3.95 8.61
O1D HEM B . -5.75 3.39 9.34
O2D HEM B . -7.72 4.36 9.04
NA HEM B . -4.23 0.98 2.42
NB HEM B . -3.67 1.61 -0.28
NC HEM B . -3.81 4.47 0.30
ND HEM B . -4.35 3.83 3.06
FE HEM B . -4.21 2.72 1.35
P PO4 C . 7.52 -14.94 24.49
O1 PO4 C . 7.37 -13.63 25.25
O2 PO4 C . 8.88 -14.97 23.79
O3 PO4 C . 7.50 -16.09 25.48
O4 PO4 C . 6.35 -15.09 23.50
#